data_7XB5
#
_entry.id   7XB5
#
_cell.length_a   65.744
_cell.length_b   125.085
_cell.length_c   155.272
_cell.angle_alpha   90.000
_cell.angle_beta   90.000
_cell.angle_gamma   90.000
#
_symmetry.space_group_name_H-M   'C 2 2 21'
#
_entity_poly.entity_id   1
_entity_poly.type   'polypeptide(L)'
_entity_poly.pdbx_seq_one_letter_code
;MGSSHHHHHHSSGLVPRGSHMKGNLNLIDMKLFHHYCTKVWPTITAAKVSGPEIWRDYIPELAFDYPFLMHALLAFSATH
LSRTETGLEQYVSSHRLDALRLLREAVLEISENNTDALVASALILIMDSLANASVDNIFEMLRIDEGLRLKIYKDTEGYY
TIGIGHLLTKSPSLNAAKSELDKAIGRNTNGVITKDEAEKLFNQDVDAAVRGILRNAKLKPVYDSLDAVRRAALINMVFQ
MGETGVAGFTNSLRMLQQKRWDEAAVNLAKSRWYNQTPNRAKRVITTFRTGTWDAYVDSMSPSAWIFHVKGAATILTAVW
PLSERSKFHNIISVDLSDLGDVINGTELVCFDESIADLYPVGLDSPYLITLAYLDKLHREKNQGDFILRVFTFPALLDKT
FLALLMTGDLGAMRIMRSYYKLLRGFATEVKDKVWFLEGVTQVLPQDVDEYSGGGGMHMMLDFLG
;
_entity_poly.pdbx_strand_id   A
#
# COMPACT_ATOMS: atom_id res chain seq x y z
N LEU A 25 31.12 -18.05 12.83
CA LEU A 25 31.48 -17.59 11.49
C LEU A 25 30.20 -17.44 10.68
N ASN A 26 29.41 -16.37 10.91
CA ASN A 26 28.07 -16.13 10.34
C ASN A 26 28.06 -15.85 8.79
N LEU A 27 29.22 -16.08 8.16
CA LEU A 27 29.66 -15.46 6.90
C LEU A 27 28.55 -15.26 5.87
N ILE A 28 27.62 -16.20 5.80
CA ILE A 28 26.41 -15.95 5.03
C ILE A 28 25.70 -14.69 5.53
N ASP A 29 25.78 -14.43 6.83
CA ASP A 29 25.20 -13.21 7.38
C ASP A 29 25.96 -11.98 6.92
N MET A 30 27.29 -12.04 6.93
CA MET A 30 28.05 -10.91 6.43
C MET A 30 27.74 -10.66 4.95
N LYS A 31 27.56 -11.73 4.20
CA LYS A 31 27.09 -11.60 2.83
C LYS A 31 25.77 -10.87 2.81
N LEU A 32 24.84 -11.26 3.69
CA LEU A 32 23.55 -10.56 3.75
C LEU A 32 23.72 -9.09 4.11
N PHE A 33 24.60 -8.79 5.05
CA PHE A 33 24.76 -7.42 5.46
C PHE A 33 25.32 -6.60 4.31
N HIS A 34 26.38 -7.11 3.66
CA HIS A 34 26.92 -6.48 2.48
C HIS A 34 25.80 -6.20 1.49
N HIS A 35 24.93 -7.20 1.35
CA HIS A 35 23.81 -7.10 0.43
C HIS A 35 22.92 -5.94 0.81
N TYR A 36 22.61 -5.82 2.10
CA TYR A 36 21.81 -4.69 2.58
C TYR A 36 22.45 -3.40 2.11
N CYS A 37 23.69 -3.15 2.60
CA CYS A 37 24.31 -1.83 2.52
C CYS A 37 24.52 -1.41 1.09
N THR A 38 24.94 -2.34 0.24
CA THR A 38 25.21 -1.99 -1.14
C THR A 38 23.95 -1.88 -1.97
N LYS A 39 22.88 -2.60 -1.60
CA LYS A 39 21.94 -3.00 -2.63
C LYS A 39 20.47 -2.80 -2.29
N VAL A 40 20.07 -2.67 -1.03
CA VAL A 40 18.65 -2.59 -0.74
C VAL A 40 18.22 -1.25 -0.20
N TRP A 41 19.11 -0.47 0.42
CA TRP A 41 18.70 0.86 0.86
C TRP A 41 18.20 1.72 -0.30
N PRO A 42 18.77 1.72 -1.51
CA PRO A 42 18.25 2.64 -2.53
C PRO A 42 16.81 2.35 -2.90
N THR A 43 16.34 1.14 -2.62
CA THR A 43 14.92 0.85 -2.70
C THR A 43 14.13 1.40 -1.53
N ILE A 44 14.81 1.74 -0.43
CA ILE A 44 14.18 1.90 0.88
C ILE A 44 13.66 3.34 1.04
N THR A 45 14.50 4.32 0.70
CA THR A 45 14.04 5.67 0.40
C THR A 45 13.42 5.72 -0.96
N ALA A 46 13.68 4.70 -1.77
CA ALA A 46 13.35 4.66 -3.19
C ALA A 46 14.03 5.80 -3.94
N ALA A 47 14.87 6.60 -3.27
CA ALA A 47 15.57 7.71 -3.92
C ALA A 47 17.06 7.71 -3.58
N LYS A 48 17.89 7.77 -4.63
CA LYS A 48 19.35 7.65 -4.51
C LYS A 48 19.97 8.80 -3.72
N VAL A 49 19.39 10.00 -3.80
CA VAL A 49 20.00 11.18 -3.20
C VAL A 49 19.20 11.72 -2.01
N SER A 50 17.91 11.35 -1.86
CA SER A 50 17.06 11.91 -0.81
C SER A 50 17.20 11.07 0.46
N GLY A 51 17.83 11.65 1.50
CA GLY A 51 18.01 11.00 2.78
C GLY A 51 18.73 9.66 2.77
N PRO A 52 19.77 9.50 1.93
CA PRO A 52 20.48 8.21 1.92
C PRO A 52 21.21 7.96 3.21
N GLU A 53 21.53 9.03 3.93
CA GLU A 53 22.31 8.90 5.15
C GLU A 53 21.58 8.03 6.16
N ILE A 54 20.27 8.23 6.29
CA ILE A 54 19.45 7.45 7.20
C ILE A 54 19.64 5.95 6.95
N TRP A 55 19.31 5.52 5.75
CA TRP A 55 19.29 4.08 5.58
C TRP A 55 20.62 3.48 5.15
N ARG A 56 21.24 4.06 4.13
CA ARG A 56 22.56 3.60 3.73
C ARG A 56 23.49 3.52 4.92
N ASP A 57 23.51 4.57 5.76
CA ASP A 57 24.51 4.52 6.83
C ASP A 57 24.17 5.15 8.17
N TYR A 58 22.91 5.42 8.51
CA TYR A 58 22.64 5.51 9.94
C TYR A 58 22.19 4.17 10.49
N ILE A 59 21.28 3.53 9.77
CA ILE A 59 20.75 2.26 10.25
C ILE A 59 21.83 1.19 10.36
N PRO A 60 22.68 0.98 9.35
CA PRO A 60 23.77 0.01 9.57
C PRO A 60 24.53 0.38 10.80
N GLU A 61 24.81 1.68 10.96
CA GLU A 61 25.52 2.20 12.13
C GLU A 61 24.86 1.71 13.40
N LEU A 62 23.58 2.08 13.61
CA LEU A 62 22.94 1.64 14.84
C LEU A 62 22.95 0.13 14.97
N ALA A 63 22.87 -0.58 13.82
CA ALA A 63 22.55 -1.99 13.80
C ALA A 63 23.49 -2.82 14.64
N PHE A 64 24.71 -2.31 14.86
CA PHE A 64 25.76 -3.08 15.51
C PHE A 64 25.54 -3.22 17.01
N ASP A 65 25.09 -2.15 17.69
CA ASP A 65 24.88 -2.22 19.14
C ASP A 65 23.57 -2.87 19.55
N TYR A 66 22.61 -3.04 18.62
CA TYR A 66 21.34 -3.61 18.97
C TYR A 66 21.03 -4.81 18.07
N PRO A 67 20.77 -5.99 18.65
CA PRO A 67 20.65 -7.21 17.87
C PRO A 67 19.29 -7.33 17.21
N PHE A 68 18.25 -6.75 17.82
CA PHE A 68 16.97 -6.73 17.13
C PHE A 68 17.07 -5.96 15.82
N LEU A 69 17.84 -4.86 15.81
CA LEU A 69 18.00 -4.14 14.56
C LEU A 69 18.84 -4.92 13.56
N MET A 70 19.95 -5.54 14.01
CA MET A 70 20.72 -6.34 13.06
C MET A 70 19.90 -7.50 12.53
N HIS A 71 19.11 -8.14 13.40
CA HIS A 71 18.26 -9.25 12.97
C HIS A 71 17.24 -8.81 11.93
N ALA A 72 16.55 -7.70 12.19
CA ALA A 72 15.61 -7.16 11.21
C ALA A 72 16.31 -6.83 9.90
N LEU A 73 17.48 -6.21 9.99
CA LEU A 73 18.17 -5.77 8.80
C LEU A 73 18.56 -6.95 7.94
N LEU A 74 19.08 -8.00 8.58
CA LEU A 74 19.46 -9.20 7.86
C LEU A 74 18.24 -9.88 7.24
N ALA A 75 17.17 -10.04 8.03
CA ALA A 75 15.98 -10.71 7.52
C ALA A 75 15.38 -9.97 6.33
N PHE A 76 15.32 -8.64 6.41
CA PHE A 76 14.82 -7.87 5.29
C PHE A 76 15.72 -8.01 4.07
N SER A 77 17.03 -7.86 4.25
CA SER A 77 17.93 -7.97 3.10
C SER A 77 17.86 -9.36 2.46
N ALA A 78 17.72 -10.39 3.30
CA ALA A 78 17.62 -11.75 2.79
C ALA A 78 16.34 -11.97 1.99
N THR A 79 15.22 -11.43 2.46
CA THR A 79 14.02 -11.54 1.63
C THR A 79 14.24 -10.87 0.29
N HIS A 80 14.94 -9.73 0.28
CA HIS A 80 15.17 -9.03 -0.98
C HIS A 80 16.03 -9.87 -1.92
N LEU A 81 17.00 -10.59 -1.36
CA LEU A 81 17.88 -11.41 -2.20
C LEU A 81 17.16 -12.62 -2.78
N SER A 82 16.26 -13.25 -2.02
CA SER A 82 15.56 -14.43 -2.54
C SER A 82 15.00 -14.20 -3.94
N ARG A 83 14.68 -12.94 -4.28
CA ARG A 83 14.25 -12.61 -5.63
C ARG A 83 15.20 -13.16 -6.70
N THR A 84 16.46 -13.39 -6.35
CA THR A 84 17.45 -13.92 -7.28
C THR A 84 17.97 -15.29 -6.86
N GLU A 85 18.52 -15.43 -5.66
CA GLU A 85 19.03 -16.71 -5.21
C GLU A 85 17.99 -17.47 -4.40
N THR A 86 17.94 -18.77 -4.64
CA THR A 86 16.79 -19.57 -4.22
C THR A 86 16.87 -19.93 -2.73
N GLY A 87 17.83 -20.79 -2.37
CA GLY A 87 18.43 -20.76 -1.06
C GLY A 87 17.50 -20.67 0.14
N LEU A 88 17.51 -19.45 0.65
CA LEU A 88 17.25 -18.98 2.00
C LEU A 88 15.83 -18.46 2.31
N GLU A 89 14.76 -19.19 1.96
CA GLU A 89 13.54 -19.03 2.77
C GLU A 89 13.78 -19.34 4.24
N GLN A 90 14.89 -19.97 4.59
CA GLN A 90 15.11 -20.35 5.98
C GLN A 90 15.62 -19.16 6.79
N TYR A 91 16.67 -18.48 6.31
CA TYR A 91 17.32 -17.51 7.18
C TYR A 91 16.46 -16.28 7.41
N VAL A 92 15.58 -15.97 6.46
CA VAL A 92 14.64 -14.87 6.58
C VAL A 92 13.73 -15.10 7.78
N SER A 93 13.14 -16.28 7.88
CA SER A 93 12.27 -16.57 9.01
C SER A 93 13.05 -16.60 10.32
N SER A 94 14.29 -17.13 10.30
CA SER A 94 15.14 -17.08 11.50
C SER A 94 15.30 -15.67 12.04
N HIS A 95 15.86 -14.79 11.23
CA HIS A 95 16.14 -13.45 11.69
C HIS A 95 14.87 -12.67 11.94
N ARG A 96 13.81 -12.93 11.17
CA ARG A 96 12.47 -12.48 11.50
C ARG A 96 12.17 -12.75 12.96
N LEU A 97 12.19 -14.03 13.35
CA LEU A 97 11.66 -14.38 14.66
C LEU A 97 12.62 -14.00 15.78
N ASP A 98 13.94 -14.06 15.52
CA ASP A 98 14.89 -13.43 16.41
C ASP A 98 14.57 -11.95 16.60
N ALA A 99 14.45 -11.21 15.50
CA ALA A 99 14.16 -9.79 15.61
C ALA A 99 12.92 -9.55 16.42
N LEU A 100 11.86 -10.32 16.18
CA LEU A 100 10.63 -10.12 16.96
C LEU A 100 10.82 -10.41 18.43
N ARG A 101 11.34 -11.58 18.81
CA ARG A 101 11.43 -11.88 20.24
C ARG A 101 12.29 -10.85 20.95
N LEU A 102 13.44 -10.53 20.34
CA LEU A 102 14.38 -9.57 20.94
C LEU A 102 13.77 -8.19 21.01
N LEU A 103 13.01 -7.81 19.99
CA LEU A 103 12.41 -6.51 19.95
C LEU A 103 11.28 -6.41 20.96
N ARG A 104 10.55 -7.51 21.17
CA ARG A 104 9.57 -7.55 22.25
C ARG A 104 10.25 -7.25 23.56
N GLU A 105 11.38 -7.91 23.80
CA GLU A 105 12.12 -7.62 25.02
C GLU A 105 12.67 -6.20 25.00
N ALA A 106 13.11 -5.72 23.84
CA ALA A 106 13.77 -4.43 23.75
C ALA A 106 12.84 -3.29 24.07
N VAL A 107 11.54 -3.51 23.92
CA VAL A 107 10.61 -2.40 24.13
C VAL A 107 10.52 -2.04 25.61
N LEU A 108 10.37 -3.04 26.46
CA LEU A 108 10.10 -2.81 27.87
C LEU A 108 11.23 -2.08 28.62
N GLU A 109 12.43 -2.01 28.08
CA GLU A 109 13.52 -1.38 28.81
C GLU A 109 14.21 -0.38 27.87
N ILE A 110 13.60 0.78 27.68
CA ILE A 110 14.10 1.69 26.67
C ILE A 110 15.37 2.41 27.12
N SER A 111 15.63 2.42 28.42
CA SER A 111 16.78 3.13 28.96
C SER A 111 18.07 2.54 28.43
N GLU A 112 18.11 1.20 28.35
CA GLU A 112 19.28 0.48 27.88
C GLU A 112 19.52 0.66 26.39
N ASN A 113 18.56 1.21 25.64
CA ASN A 113 18.73 1.08 24.18
C ASN A 113 18.01 2.18 23.41
N ASN A 114 18.63 2.53 22.30
CA ASN A 114 18.21 3.66 21.50
C ASN A 114 16.84 3.41 20.95
N THR A 115 16.11 4.50 20.69
CA THR A 115 14.76 4.43 20.13
C THR A 115 14.73 4.62 18.63
N ASP A 116 15.65 5.38 18.08
CA ASP A 116 15.80 5.35 16.63
C ASP A 116 16.00 3.92 16.16
N ALA A 117 16.72 3.11 16.94
CA ALA A 117 16.92 1.72 16.58
C ALA A 117 15.60 0.97 16.56
N LEU A 118 14.77 1.19 17.58
CA LEU A 118 13.48 0.53 17.62
C LEU A 118 12.59 0.95 16.45
N VAL A 119 12.58 2.25 16.12
CA VAL A 119 11.80 2.77 14.98
C VAL A 119 12.27 2.13 13.67
N ALA A 120 13.58 2.15 13.44
CA ALA A 120 14.14 1.50 12.28
C ALA A 120 13.59 0.08 12.18
N SER A 121 13.89 -0.75 13.18
CA SER A 121 13.51 -2.15 13.08
C SER A 121 12.01 -2.33 12.90
N ALA A 122 11.22 -1.43 13.46
CA ALA A 122 9.81 -1.37 13.10
C ALA A 122 9.64 -1.28 11.60
N LEU A 123 10.12 -0.17 11.02
CA LEU A 123 9.82 0.13 9.62
C LEU A 123 10.35 -0.97 8.72
N ILE A 124 11.54 -1.46 9.02
CA ILE A 124 12.14 -2.52 8.23
C ILE A 124 11.28 -3.78 8.29
N LEU A 125 10.82 -4.15 9.49
CA LEU A 125 10.01 -5.36 9.62
C LEU A 125 8.71 -5.26 8.82
N ILE A 126 8.10 -4.08 8.86
CA ILE A 126 6.98 -3.75 7.98
C ILE A 126 7.35 -4.05 6.53
N MET A 127 8.34 -3.32 5.98
CA MET A 127 8.67 -3.48 4.56
C MET A 127 8.98 -4.92 4.20
N ASP A 128 9.47 -5.69 5.16
CA ASP A 128 9.73 -7.11 4.92
C ASP A 128 8.42 -7.87 4.72
N SER A 129 7.45 -7.68 5.61
CA SER A 129 6.17 -8.38 5.41
C SER A 129 5.44 -7.85 4.18
N LEU A 130 5.72 -6.59 3.85
CA LEU A 130 5.19 -5.97 2.64
C LEU A 130 5.75 -6.64 1.39
N ALA A 131 7.01 -7.07 1.43
CA ALA A 131 7.58 -7.78 0.30
C ALA A 131 7.02 -9.19 0.14
N ASN A 132 6.63 -9.85 1.23
CA ASN A 132 5.79 -11.06 1.16
C ASN A 132 4.32 -10.68 0.94
N ALA A 133 4.07 -10.09 -0.23
CA ALA A 133 2.81 -9.43 -0.62
C ALA A 133 1.91 -10.34 -1.43
N SER A 134 1.91 -11.64 -1.09
CA SER A 134 1.30 -12.69 -1.89
C SER A 134 -0.14 -12.41 -2.27
N VAL A 135 -0.78 -11.40 -1.66
CA VAL A 135 -2.18 -11.09 -1.96
C VAL A 135 -2.24 -10.50 -3.36
N ASP A 136 -2.71 -11.30 -4.32
CA ASP A 136 -3.01 -10.87 -5.67
C ASP A 136 -4.52 -10.69 -5.75
N ASN A 137 -4.95 -9.44 -5.99
CA ASN A 137 -6.30 -8.95 -5.74
C ASN A 137 -7.36 -9.39 -6.75
N ILE A 138 -6.99 -9.98 -7.89
CA ILE A 138 -7.99 -10.45 -8.85
C ILE A 138 -8.78 -11.61 -8.26
N PHE A 139 -8.08 -12.53 -7.59
CA PHE A 139 -8.73 -13.60 -6.86
C PHE A 139 -9.74 -13.01 -5.89
N GLU A 140 -9.31 -11.97 -5.18
CA GLU A 140 -10.16 -11.29 -4.20
C GLU A 140 -11.43 -10.79 -4.87
N MET A 141 -11.31 -10.26 -6.09
CA MET A 141 -12.46 -9.67 -6.78
C MET A 141 -13.54 -10.70 -7.06
N LEU A 142 -13.17 -11.83 -7.67
CA LEU A 142 -14.13 -12.91 -7.95
C LEU A 142 -14.51 -13.67 -6.69
N ARG A 143 -13.68 -13.62 -5.64
CA ARG A 143 -14.18 -13.99 -4.31
C ARG A 143 -15.49 -13.28 -4.03
N ILE A 144 -15.52 -11.98 -4.31
CA ILE A 144 -16.64 -11.13 -3.96
C ILE A 144 -17.85 -11.41 -4.85
N ASP A 145 -17.63 -11.64 -6.15
CA ASP A 145 -18.76 -11.63 -7.08
C ASP A 145 -19.48 -12.97 -7.15
N GLU A 146 -18.75 -14.10 -7.06
CA GLU A 146 -19.35 -15.43 -7.13
C GLU A 146 -19.56 -16.07 -5.75
N GLY A 147 -18.52 -16.12 -4.91
CA GLY A 147 -18.64 -16.62 -3.55
C GLY A 147 -17.84 -17.87 -3.20
N GLN A 204 -10.56 -26.48 -9.19
CA GLN A 204 -11.00 -25.12 -8.96
C GLN A 204 -11.48 -24.39 -10.22
N ASP A 205 -10.71 -24.48 -11.31
CA ASP A 205 -10.91 -23.64 -12.50
C ASP A 205 -10.77 -22.15 -12.18
N VAL A 206 -9.55 -21.78 -11.77
CA VAL A 206 -9.31 -20.39 -11.39
C VAL A 206 -8.42 -19.69 -12.41
N ASP A 207 -7.16 -20.12 -12.50
CA ASP A 207 -6.16 -19.44 -13.33
C ASP A 207 -6.33 -19.84 -14.79
N ALA A 208 -5.70 -19.05 -15.67
CA ALA A 208 -5.70 -19.30 -17.13
C ALA A 208 -7.12 -19.33 -17.70
N ALA A 209 -7.94 -18.37 -17.31
CA ALA A 209 -9.22 -18.14 -17.99
C ALA A 209 -9.10 -17.16 -19.16
N VAL A 210 -7.92 -16.53 -19.32
CA VAL A 210 -7.64 -15.56 -20.38
C VAL A 210 -7.74 -16.19 -21.76
N ARG A 211 -7.59 -17.52 -21.86
CA ARG A 211 -7.40 -18.16 -23.15
C ARG A 211 -8.71 -18.06 -23.93
N GLY A 212 -8.92 -16.91 -24.55
CA GLY A 212 -10.20 -16.64 -25.16
C GLY A 212 -10.62 -15.20 -24.93
N ILE A 213 -9.70 -14.42 -24.39
CA ILE A 213 -9.88 -12.99 -24.29
C ILE A 213 -8.90 -12.26 -25.22
N LEU A 214 -7.60 -12.38 -24.93
CA LEU A 214 -6.63 -11.73 -25.82
C LEU A 214 -6.49 -12.55 -27.09
N ARG A 215 -6.81 -13.84 -27.02
CA ARG A 215 -6.92 -14.68 -28.20
C ARG A 215 -8.39 -14.80 -28.62
N ASN A 216 -8.92 -13.65 -29.07
CA ASN A 216 -10.32 -13.43 -29.39
C ASN A 216 -10.45 -12.18 -30.28
N ALA A 217 -11.28 -12.29 -31.33
CA ALA A 217 -11.28 -11.33 -32.43
C ALA A 217 -11.39 -9.88 -31.96
N LYS A 218 -12.36 -9.58 -31.09
CA LYS A 218 -12.72 -8.22 -30.72
C LYS A 218 -12.30 -7.83 -29.31
N LEU A 219 -12.05 -8.81 -28.44
CA LEU A 219 -11.55 -8.53 -27.11
C LEU A 219 -10.04 -8.29 -27.09
N LYS A 220 -9.32 -8.74 -28.13
CA LYS A 220 -7.89 -8.46 -28.20
C LYS A 220 -7.64 -6.96 -28.14
N PRO A 221 -8.09 -6.16 -29.11
CA PRO A 221 -7.68 -4.74 -29.13
C PRO A 221 -8.08 -3.98 -27.89
N VAL A 222 -9.15 -4.38 -27.22
CA VAL A 222 -9.56 -3.71 -26.00
C VAL A 222 -8.73 -4.17 -24.82
N TYR A 223 -8.61 -5.49 -24.65
CA TYR A 223 -7.77 -6.02 -23.59
C TYR A 223 -6.32 -5.62 -23.80
N ASP A 224 -5.90 -5.57 -25.06
CA ASP A 224 -4.52 -5.23 -25.40
C ASP A 224 -4.19 -3.77 -25.05
N SER A 225 -5.18 -2.89 -24.95
CA SER A 225 -4.96 -1.49 -24.61
C SER A 225 -5.19 -1.18 -23.15
N LEU A 226 -6.07 -1.93 -22.48
CA LEU A 226 -6.43 -1.61 -21.11
C LEU A 226 -5.23 -1.68 -20.18
N ASP A 227 -5.40 -1.06 -19.01
CA ASP A 227 -4.50 -1.17 -17.87
C ASP A 227 -4.98 -2.31 -16.97
N ALA A 228 -4.25 -2.58 -15.88
CA ALA A 228 -4.50 -3.83 -15.17
C ALA A 228 -5.75 -3.76 -14.32
N VAL A 229 -6.11 -2.56 -13.85
CA VAL A 229 -7.30 -2.45 -13.01
C VAL A 229 -8.53 -2.78 -13.83
N ARG A 230 -8.56 -2.32 -15.09
CA ARG A 230 -9.67 -2.51 -16.00
C ARG A 230 -9.63 -3.86 -16.73
N ARG A 231 -8.43 -4.40 -17.03
CA ARG A 231 -8.34 -5.79 -17.49
C ARG A 231 -9.04 -6.74 -16.52
N ALA A 232 -8.97 -6.43 -15.21
CA ALA A 232 -9.60 -7.30 -14.20
C ALA A 232 -11.10 -7.38 -14.39
N ALA A 233 -11.75 -6.23 -14.64
CA ALA A 233 -13.19 -6.18 -14.85
C ALA A 233 -13.63 -6.97 -16.08
N LEU A 234 -12.90 -6.80 -17.18
CA LEU A 234 -13.18 -7.55 -18.40
C LEU A 234 -13.03 -9.03 -18.19
N ILE A 235 -11.98 -9.45 -17.48
CA ILE A 235 -11.83 -10.85 -17.13
C ILE A 235 -12.97 -11.33 -16.24
N ASN A 236 -13.38 -10.50 -15.28
CA ASN A 236 -14.54 -10.82 -14.44
C ASN A 236 -15.79 -11.05 -15.29
N MET A 237 -15.98 -10.23 -16.33
CA MET A 237 -17.12 -10.42 -17.20
C MET A 237 -17.05 -11.75 -17.96
N VAL A 238 -15.87 -12.14 -18.44
CA VAL A 238 -15.74 -13.40 -19.15
C VAL A 238 -16.03 -14.57 -18.23
N PHE A 239 -15.49 -14.53 -17.00
CA PHE A 239 -15.75 -15.62 -16.06
C PHE A 239 -17.23 -15.76 -15.74
N GLN A 240 -17.93 -14.63 -15.64
CA GLN A 240 -19.35 -14.68 -15.38
C GLN A 240 -20.11 -15.20 -16.60
N MET A 241 -19.80 -14.67 -17.79
CA MET A 241 -20.65 -14.85 -18.96
C MET A 241 -19.88 -15.27 -20.22
N GLY A 242 -18.72 -15.92 -20.08
CA GLY A 242 -18.05 -16.55 -21.20
C GLY A 242 -17.41 -15.65 -22.24
N GLU A 243 -16.39 -16.15 -22.94
CA GLU A 243 -15.67 -15.36 -23.94
C GLU A 243 -16.62 -14.72 -24.94
N THR A 244 -17.61 -15.48 -25.39
CA THR A 244 -18.49 -15.06 -26.47
C THR A 244 -19.69 -14.26 -25.97
N GLY A 245 -19.85 -14.11 -24.66
CA GLY A 245 -20.88 -13.21 -24.21
C GLY A 245 -20.31 -11.81 -24.22
N VAL A 246 -19.15 -11.67 -23.58
CA VAL A 246 -18.51 -10.37 -23.48
C VAL A 246 -18.29 -9.77 -24.86
N ALA A 247 -18.05 -10.60 -25.87
CA ALA A 247 -17.81 -10.04 -27.20
C ALA A 247 -19.02 -9.29 -27.76
N GLY A 248 -20.18 -9.39 -27.10
CA GLY A 248 -21.39 -8.78 -27.61
C GLY A 248 -21.45 -7.27 -27.51
N PHE A 249 -20.68 -6.67 -26.59
CA PHE A 249 -20.78 -5.24 -26.33
C PHE A 249 -19.94 -4.43 -27.30
N THR A 250 -20.32 -4.51 -28.58
CA THR A 250 -19.61 -3.78 -29.61
C THR A 250 -19.47 -2.30 -29.26
N ASN A 251 -20.58 -1.64 -28.90
CA ASN A 251 -20.51 -0.20 -28.63
C ASN A 251 -19.67 0.10 -27.40
N SER A 252 -19.83 -0.67 -26.34
CA SER A 252 -19.03 -0.42 -25.14
C SER A 252 -17.53 -0.74 -25.37
N LEU A 253 -17.23 -1.85 -26.04
CA LEU A 253 -15.83 -2.20 -26.31
C LEU A 253 -15.15 -1.21 -27.23
N ARG A 254 -15.86 -0.72 -28.24
CA ARG A 254 -15.31 0.38 -29.02
C ARG A 254 -15.08 1.59 -28.15
N MET A 255 -15.96 1.81 -27.16
CA MET A 255 -15.78 2.91 -26.22
C MET A 255 -14.63 2.65 -25.23
N LEU A 256 -14.57 1.46 -24.62
CA LEU A 256 -13.46 1.16 -23.71
C LEU A 256 -12.12 1.21 -24.42
N GLN A 257 -12.04 0.68 -25.64
CA GLN A 257 -10.84 0.87 -26.47
C GLN A 257 -10.58 2.36 -26.71
N GLN A 258 -11.65 3.19 -26.70
CA GLN A 258 -11.63 4.61 -27.00
C GLN A 258 -11.39 5.47 -25.76
N LYS A 259 -11.38 4.84 -24.56
CA LYS A 259 -11.05 5.39 -23.23
C LYS A 259 -12.06 6.40 -22.65
N ARG A 260 -13.29 6.44 -23.15
CA ARG A 260 -14.34 7.33 -22.65
C ARG A 260 -15.27 6.62 -21.66
N TRP A 261 -14.68 5.78 -20.79
CA TRP A 261 -15.40 5.15 -19.69
C TRP A 261 -16.21 6.14 -18.89
N ASP A 262 -15.93 7.42 -19.10
CA ASP A 262 -16.87 8.47 -18.80
C ASP A 262 -18.29 8.06 -19.22
N GLU A 263 -18.51 7.82 -20.52
CA GLU A 263 -19.84 7.39 -20.95
C GLU A 263 -19.87 5.96 -21.45
N ALA A 264 -18.73 5.32 -21.63
CA ALA A 264 -18.74 3.88 -21.82
C ALA A 264 -19.33 3.20 -20.59
N ALA A 265 -19.14 3.79 -19.42
CA ALA A 265 -19.83 3.35 -18.22
C ALA A 265 -21.30 3.64 -18.31
N VAL A 266 -21.67 4.69 -19.04
CA VAL A 266 -23.08 4.99 -19.25
C VAL A 266 -23.73 3.92 -20.13
N ASN A 267 -23.09 3.59 -21.25
CA ASN A 267 -23.70 2.63 -22.18
C ASN A 267 -23.81 1.24 -21.58
N LEU A 268 -23.09 0.96 -20.49
CA LEU A 268 -23.15 -0.34 -19.86
C LEU A 268 -24.24 -0.46 -18.79
N ALA A 269 -24.87 0.62 -18.37
CA ALA A 269 -26.00 0.49 -17.45
C ALA A 269 -27.28 0.09 -18.17
N LYS A 270 -27.29 0.13 -19.48
CA LYS A 270 -28.44 -0.27 -20.28
C LYS A 270 -28.24 -1.67 -20.87
N SER A 271 -27.45 -2.51 -20.20
CA SER A 271 -27.15 -3.86 -20.67
C SER A 271 -28.01 -4.88 -19.93
N ARG A 272 -28.47 -5.89 -20.65
CA ARG A 272 -29.35 -6.88 -20.05
C ARG A 272 -28.59 -7.81 -19.10
N TRP A 273 -27.26 -7.83 -19.23
CA TRP A 273 -26.42 -8.26 -18.12
C TRP A 273 -26.77 -7.47 -16.87
N TYR A 274 -26.60 -6.14 -16.95
CA TYR A 274 -26.80 -5.26 -15.81
C TYR A 274 -28.20 -5.42 -15.23
N ASN A 275 -29.20 -5.68 -16.06
CA ASN A 275 -30.56 -5.94 -15.56
C ASN A 275 -30.64 -7.23 -14.76
N GLN A 276 -30.02 -8.31 -15.27
CA GLN A 276 -30.14 -9.59 -14.61
C GLN A 276 -29.18 -9.74 -13.43
N THR A 277 -28.00 -9.10 -13.46
CA THR A 277 -27.08 -9.06 -12.32
C THR A 277 -26.69 -7.62 -12.02
N PRO A 278 -27.59 -6.84 -11.41
CA PRO A 278 -27.29 -5.41 -11.23
C PRO A 278 -26.21 -5.15 -10.21
N ASN A 279 -26.17 -5.94 -9.13
CA ASN A 279 -25.19 -5.70 -8.09
C ASN A 279 -23.78 -5.93 -8.61
N ARG A 280 -23.55 -7.10 -9.23
CA ARG A 280 -22.25 -7.39 -9.79
C ARG A 280 -21.90 -6.39 -10.87
N ALA A 281 -22.87 -6.04 -11.70
CA ALA A 281 -22.61 -5.19 -12.86
C ALA A 281 -22.24 -3.78 -12.45
N LYS A 282 -22.97 -3.21 -11.48
CA LYS A 282 -22.69 -1.84 -11.09
C LYS A 282 -21.28 -1.71 -10.54
N ARG A 283 -20.83 -2.70 -9.78
CA ARG A 283 -19.52 -2.62 -9.16
C ARG A 283 -18.42 -2.97 -10.15
N VAL A 284 -18.74 -3.77 -11.17
CA VAL A 284 -17.81 -3.96 -12.29
C VAL A 284 -17.60 -2.64 -13.04
N ILE A 285 -18.68 -1.90 -13.28
CA ILE A 285 -18.60 -0.75 -14.17
C ILE A 285 -17.80 0.38 -13.51
N THR A 286 -18.02 0.63 -12.21
CA THR A 286 -17.24 1.68 -11.56
C THR A 286 -15.75 1.32 -11.58
N THR A 287 -15.43 0.04 -11.42
CA THR A 287 -14.06 -0.40 -11.67
C THR A 287 -13.61 0.01 -13.06
N PHE A 288 -14.46 -0.17 -14.07
CA PHE A 288 -14.05 0.25 -15.41
C PHE A 288 -13.91 1.77 -15.50
N ARG A 289 -14.84 2.53 -14.92
CA ARG A 289 -14.72 3.98 -15.00
C ARG A 289 -13.56 4.51 -14.17
N THR A 290 -13.45 4.08 -12.90
CA THR A 290 -12.58 4.75 -11.94
C THR A 290 -11.14 4.31 -12.05
N GLY A 291 -10.90 3.01 -12.13
CA GLY A 291 -9.58 2.47 -11.88
C GLY A 291 -9.46 1.92 -10.47
N THR A 292 -9.68 2.75 -9.45
CA THR A 292 -9.55 2.25 -8.08
C THR A 292 -10.55 1.13 -7.86
N TRP A 293 -10.30 0.32 -6.85
CA TRP A 293 -11.20 -0.80 -6.66
C TRP A 293 -12.30 -0.46 -5.71
N ASP A 294 -12.64 0.83 -5.67
CA ASP A 294 -13.62 1.44 -4.78
C ASP A 294 -14.79 0.52 -4.45
N ALA A 295 -15.48 0.04 -5.49
CA ALA A 295 -16.70 -0.74 -5.28
C ALA A 295 -16.43 -2.02 -4.49
N TYR A 296 -15.21 -2.54 -4.62
CA TYR A 296 -14.86 -3.79 -3.95
C TYR A 296 -13.99 -3.67 -2.72
N VAL A 297 -13.48 -2.48 -2.44
CA VAL A 297 -12.56 -2.31 -1.31
C VAL A 297 -13.17 -2.68 0.02
N ASP A 298 -14.42 -2.37 0.21
CA ASP A 298 -15.05 -2.65 1.48
C ASP A 298 -15.03 -4.13 1.83
N SER A 299 -15.23 -5.00 0.88
CA SER A 299 -15.20 -6.43 1.18
C SER A 299 -13.87 -7.08 0.84
N MET A 300 -12.86 -6.27 0.59
CA MET A 300 -11.55 -6.79 0.22
C MET A 300 -10.88 -7.60 1.32
N SER A 301 -10.02 -8.51 0.87
CA SER A 301 -9.24 -9.37 1.75
C SER A 301 -8.17 -8.74 2.67
N PRO A 302 -7.35 -7.81 2.15
CA PRO A 302 -6.22 -7.11 2.78
C PRO A 302 -5.93 -7.36 4.24
N SER A 303 -4.91 -8.17 4.54
CA SER A 303 -4.63 -8.46 5.94
C SER A 303 -3.20 -8.88 6.23
N ALA A 304 -2.40 -9.26 5.22
CA ALA A 304 -1.02 -9.62 5.48
C ALA A 304 -0.23 -8.42 5.98
N TRP A 305 -0.56 -7.24 5.46
CA TRP A 305 -0.01 -6.00 6.03
C TRP A 305 -0.51 -5.80 7.46
N ILE A 306 -1.80 -6.01 7.70
CA ILE A 306 -2.38 -5.48 8.94
C ILE A 306 -1.67 -6.06 10.17
N PHE A 307 -1.41 -7.39 10.20
CA PHE A 307 -0.83 -7.99 11.41
C PHE A 307 0.46 -7.31 11.83
N HIS A 308 1.20 -6.74 10.89
CA HIS A 308 2.49 -6.23 11.28
C HIS A 308 2.37 -4.83 11.87
N VAL A 309 1.34 -4.07 11.51
CA VAL A 309 1.11 -2.83 12.22
C VAL A 309 0.47 -3.06 13.58
N LYS A 310 -0.09 -4.24 13.83
CA LYS A 310 -0.55 -4.57 15.17
C LYS A 310 0.59 -4.45 16.17
N GLY A 311 1.60 -5.32 16.05
CA GLY A 311 2.73 -5.21 16.92
C GLY A 311 3.54 -3.94 16.70
N ALA A 312 3.46 -3.35 15.50
CA ALA A 312 4.27 -2.17 15.23
C ALA A 312 3.88 -1.00 16.11
N ALA A 313 2.57 -0.84 16.34
CA ALA A 313 2.12 0.25 17.20
C ALA A 313 2.75 0.13 18.57
N THR A 314 2.80 -1.10 19.10
CA THR A 314 3.41 -1.45 20.39
C THR A 314 4.72 -0.71 20.62
N ILE A 315 5.43 -0.50 19.54
CA ILE A 315 6.71 0.13 19.69
C ILE A 315 6.62 1.60 19.33
N LEU A 316 5.55 2.04 18.70
CA LEU A 316 5.32 3.48 18.69
C LEU A 316 4.97 3.97 20.09
N THR A 317 4.02 3.29 20.72
CA THR A 317 3.52 3.76 22.00
C THR A 317 4.64 3.81 23.03
N ALA A 318 5.59 2.86 22.94
CA ALA A 318 6.74 2.89 23.83
C ALA A 318 7.52 4.17 23.66
N VAL A 319 7.90 4.49 22.43
CA VAL A 319 8.86 5.55 22.20
C VAL A 319 8.22 6.91 21.98
N TRP A 320 6.87 7.01 22.06
CA TRP A 320 6.47 8.36 21.73
C TRP A 320 6.28 9.20 22.99
N PRO A 321 6.71 10.48 22.98
CA PRO A 321 7.45 11.17 21.91
C PRO A 321 8.94 10.83 21.89
N LEU A 322 9.56 11.15 20.76
CA LEU A 322 10.95 10.76 20.60
C LEU A 322 11.88 11.77 21.24
N SER A 323 13.00 11.25 21.75
CA SER A 323 13.94 12.08 22.49
C SER A 323 14.38 13.27 21.66
N GLU A 324 14.40 14.44 22.29
CA GLU A 324 14.67 15.73 21.66
C GLU A 324 15.82 15.59 20.70
N ARG A 325 16.71 14.69 21.06
CA ARG A 325 17.92 14.38 20.31
C ARG A 325 17.67 13.45 19.12
N SER A 326 16.81 12.43 19.27
CA SER A 326 16.82 11.31 18.32
C SER A 326 16.48 11.74 16.90
N LYS A 327 17.24 11.18 15.93
CA LYS A 327 17.30 11.70 14.57
C LYS A 327 15.94 11.74 13.93
N PHE A 328 14.96 10.99 14.42
CA PHE A 328 13.63 11.01 13.76
C PHE A 328 12.63 12.22 13.54
N HIS A 329 12.24 13.05 14.51
CA HIS A 329 11.21 14.13 14.26
C HIS A 329 11.42 15.23 13.15
N ASN A 330 12.71 15.56 13.08
CA ASN A 330 13.24 16.51 12.14
C ASN A 330 12.81 15.96 10.80
N ILE A 331 13.22 14.73 10.49
CA ILE A 331 12.85 14.10 9.23
C ILE A 331 11.32 14.04 9.14
N ILE A 332 10.66 14.12 10.29
CA ILE A 332 9.21 14.09 10.35
C ILE A 332 8.62 15.34 9.72
N SER A 333 8.33 15.24 8.43
CA SER A 333 7.74 16.34 7.66
C SER A 333 8.49 17.66 7.76
N VAL A 334 9.83 17.58 7.87
CA VAL A 334 10.79 18.63 7.94
C VAL A 334 10.15 19.01 9.33
N ASP A 335 10.04 18.03 10.35
CA ASP A 335 9.24 18.54 11.52
C ASP A 335 7.90 19.32 11.24
N LEU A 336 6.93 18.71 10.52
CA LEU A 336 5.56 19.32 10.10
C LEU A 336 5.39 20.24 8.81
N SER A 337 6.22 21.30 8.76
CA SER A 337 6.72 22.32 7.85
C SER A 337 6.16 23.72 8.09
N ASP A 338 5.90 24.09 9.35
CA ASP A 338 5.04 25.24 9.64
C ASP A 338 3.76 25.19 8.79
N LEU A 339 3.18 23.99 8.64
CA LEU A 339 1.90 23.79 7.93
C LEU A 339 1.91 24.42 6.54
N GLY A 340 3.08 24.44 5.90
CA GLY A 340 3.19 25.08 4.59
C GLY A 340 2.28 24.42 3.57
N ASP A 341 2.13 23.10 3.65
CA ASP A 341 1.20 22.36 2.81
C ASP A 341 -0.24 22.80 3.06
N VAL A 342 -0.52 23.39 4.23
CA VAL A 342 -1.87 23.82 4.55
C VAL A 342 -2.28 25.12 3.84
N ILE A 343 -1.33 25.97 3.44
CA ILE A 343 -1.69 27.27 2.84
C ILE A 343 -2.40 27.08 1.52
N ASN A 344 -2.01 26.08 0.74
CA ASN A 344 -2.81 25.66 -0.38
C ASN A 344 -3.35 24.24 -0.18
N GLY A 345 -3.64 23.87 1.07
CA GLY A 345 -4.11 22.52 1.35
C GLY A 345 -5.50 22.27 0.81
N THR A 346 -6.42 23.22 1.08
CA THR A 346 -7.66 23.32 0.32
C THR A 346 -7.41 23.16 -1.17
N GLU A 347 -6.23 23.57 -1.62
CA GLU A 347 -5.98 23.72 -3.04
C GLU A 347 -5.44 22.44 -3.66
N LEU A 348 -4.91 21.50 -2.86
CA LEU A 348 -4.56 20.19 -3.41
C LEU A 348 -5.81 19.39 -3.76
N VAL A 349 -5.67 18.59 -4.82
CA VAL A 349 -6.79 18.00 -5.54
C VAL A 349 -7.03 16.61 -4.98
N CYS A 350 -8.14 16.01 -5.41
CA CYS A 350 -8.64 14.87 -4.67
C CYS A 350 -7.63 13.75 -4.61
N PHE A 351 -7.08 13.37 -5.75
CA PHE A 351 -6.20 12.22 -5.83
C PHE A 351 -6.91 10.92 -5.45
N ASP A 352 -8.02 11.02 -4.70
CA ASP A 352 -8.79 9.80 -4.46
C ASP A 352 -9.86 9.73 -5.51
N GLU A 353 -10.60 10.82 -5.63
CA GLU A 353 -11.62 11.13 -6.61
C GLU A 353 -12.91 10.43 -6.19
N SER A 354 -12.88 9.69 -5.09
CA SER A 354 -14.07 9.00 -4.59
C SER A 354 -14.75 9.72 -3.47
N ILE A 355 -13.98 10.30 -2.55
CA ILE A 355 -14.60 11.13 -1.52
C ILE A 355 -15.46 12.20 -2.18
N ALA A 356 -14.89 12.93 -3.16
CA ALA A 356 -15.62 13.85 -4.02
C ALA A 356 -16.65 14.66 -3.24
N ASP A 357 -16.28 15.08 -2.03
CA ASP A 357 -17.28 15.63 -1.13
C ASP A 357 -16.66 16.66 -0.23
N LEU A 358 -17.28 17.85 -0.21
CA LEU A 358 -16.96 18.90 0.74
C LEU A 358 -15.53 19.36 0.51
N TYR A 359 -14.79 18.54 -0.18
CA TYR A 359 -13.34 18.59 -0.26
C TYR A 359 -12.86 19.85 -0.96
N PRO A 360 -13.68 20.55 -1.77
CA PRO A 360 -13.31 21.94 -2.05
C PRO A 360 -13.32 22.92 -0.87
N VAL A 361 -13.41 22.48 0.43
CA VAL A 361 -13.62 23.46 1.53
C VAL A 361 -12.29 24.18 1.77
N GLY A 362 -12.37 25.35 2.37
CA GLY A 362 -11.20 25.98 2.97
C GLY A 362 -10.82 25.47 4.36
N LEU A 363 -10.32 26.41 5.19
CA LEU A 363 -9.70 26.06 6.47
C LEU A 363 -10.70 25.46 7.46
N ASP A 364 -11.84 26.14 7.64
CA ASP A 364 -12.71 25.85 8.78
C ASP A 364 -13.47 24.57 8.49
N SER A 365 -12.77 23.48 8.72
CA SER A 365 -13.14 22.10 8.47
C SER A 365 -12.20 21.23 9.27
N PRO A 366 -12.72 20.35 10.14
CA PRO A 366 -11.84 19.51 10.98
C PRO A 366 -11.07 18.43 10.19
N TYR A 367 -11.38 18.30 8.91
CA TYR A 367 -10.79 17.32 8.02
C TYR A 367 -9.41 17.71 7.53
N LEU A 368 -9.07 19.00 7.60
CA LEU A 368 -7.96 19.50 6.79
C LEU A 368 -6.63 18.97 7.31
N ILE A 369 -6.33 19.21 8.59
CA ILE A 369 -5.08 18.73 9.19
C ILE A 369 -4.89 17.25 8.91
N THR A 370 -5.97 16.50 8.75
CA THR A 370 -5.85 15.09 8.43
C THR A 370 -6.07 14.75 6.96
N LEU A 371 -6.75 15.58 6.17
CA LEU A 371 -6.73 15.39 4.72
C LEU A 371 -5.44 15.92 4.10
N ALA A 372 -4.87 16.98 4.69
CA ALA A 372 -3.56 17.44 4.27
C ALA A 372 -2.53 16.35 4.54
N TYR A 373 -2.64 15.67 5.67
CA TYR A 373 -1.73 14.56 5.93
C TYR A 373 -1.87 13.48 4.87
N LEU A 374 -3.10 13.11 4.50
CA LEU A 374 -3.27 12.09 3.48
C LEU A 374 -2.67 12.53 2.16
N ASP A 375 -2.93 13.78 1.74
CA ASP A 375 -2.23 14.32 0.58
C ASP A 375 -0.73 14.02 0.67
N LYS A 376 -0.12 14.38 1.80
CA LYS A 376 1.32 14.16 1.98
C LYS A 376 1.70 12.69 1.87
N LEU A 377 0.85 11.78 2.40
CA LEU A 377 1.09 10.36 2.22
C LEU A 377 1.01 9.96 0.75
N HIS A 378 -0.05 10.40 0.08
CA HIS A 378 -0.20 10.18 -1.36
C HIS A 378 0.92 10.84 -2.14
N ARG A 379 1.33 12.04 -1.72
CA ARG A 379 2.17 12.87 -2.56
C ARG A 379 3.58 12.29 -2.72
N GLU A 380 4.00 11.34 -1.87
CA GLU A 380 5.38 10.87 -1.98
C GLU A 380 5.39 9.36 -1.78
N LYS A 381 6.18 8.68 -2.61
CA LYS A 381 6.20 7.22 -2.59
C LYS A 381 7.46 6.67 -1.90
N ASN A 382 8.46 7.51 -1.59
CA ASN A 382 9.72 7.04 -1.00
C ASN A 382 9.41 6.02 0.08
N GLN A 383 9.81 4.78 -0.15
CA GLN A 383 9.17 3.68 0.54
C GLN A 383 9.29 3.82 2.04
N GLY A 384 10.50 4.13 2.52
CA GLY A 384 10.71 4.24 3.95
C GLY A 384 9.87 5.34 4.56
N ASP A 385 9.91 6.53 3.95
CA ASP A 385 9.20 7.68 4.50
C ASP A 385 7.70 7.44 4.51
N PHE A 386 7.15 6.91 3.43
CA PHE A 386 5.72 6.61 3.47
C PHE A 386 5.38 5.70 4.65
N ILE A 387 6.17 4.66 4.86
CA ILE A 387 5.95 3.82 6.02
C ILE A 387 6.12 4.63 7.29
N LEU A 388 7.07 5.56 7.30
CA LEU A 388 7.28 6.36 8.51
C LEU A 388 6.06 7.19 8.83
N ARG A 389 5.46 7.84 7.83
CA ARG A 389 4.25 8.63 8.07
C ARG A 389 3.10 7.75 8.55
N VAL A 390 3.08 6.48 8.15
CA VAL A 390 2.07 5.56 8.65
C VAL A 390 2.34 5.17 10.09
N PHE A 391 3.59 4.81 10.38
CA PHE A 391 3.95 4.33 11.73
C PHE A 391 3.68 5.38 12.77
N THR A 392 3.81 6.65 12.40
CA THR A 392 3.68 7.78 13.29
C THR A 392 2.26 8.36 13.30
N PHE A 393 1.41 7.89 12.38
CA PHE A 393 0.09 8.47 12.14
C PHE A 393 -0.81 8.47 13.37
N PRO A 394 -0.87 7.39 14.21
CA PRO A 394 -1.72 7.47 15.41
C PRO A 394 -1.15 8.34 16.52
N ALA A 395 0.16 8.49 16.63
CA ALA A 395 0.62 9.47 17.59
C ALA A 395 0.36 10.89 17.13
N LEU A 396 -0.03 11.09 15.87
CA LEU A 396 -0.23 12.42 15.32
C LEU A 396 -1.65 12.71 14.83
N LEU A 397 -2.58 11.77 14.96
CA LEU A 397 -3.91 12.05 14.47
C LEU A 397 -4.50 13.18 15.29
N ASP A 398 -5.06 14.17 14.59
CA ASP A 398 -5.86 15.26 15.14
C ASP A 398 -6.80 14.86 16.28
N LYS A 399 -6.65 15.47 17.46
CA LYS A 399 -7.59 15.13 18.54
C LYS A 399 -9.00 15.53 18.17
N THR A 400 -9.18 16.57 17.35
CA THR A 400 -10.51 16.94 16.94
C THR A 400 -11.03 15.99 15.85
N PHE A 401 -10.13 15.43 15.05
CA PHE A 401 -10.59 14.48 14.06
C PHE A 401 -10.90 13.14 14.71
N LEU A 402 -9.96 12.62 15.50
CA LEU A 402 -10.19 11.39 16.24
C LEU A 402 -11.51 11.45 16.98
N ALA A 403 -11.86 12.63 17.50
CA ALA A 403 -13.08 12.78 18.28
C ALA A 403 -14.32 12.55 17.44
N LEU A 404 -14.35 13.13 16.23
CA LEU A 404 -15.44 12.89 15.27
C LEU A 404 -15.58 11.41 14.93
N LEU A 405 -14.50 10.81 14.48
CA LEU A 405 -14.53 9.39 14.14
C LEU A 405 -15.12 8.58 15.29
N MET A 406 -14.70 8.87 16.51
CA MET A 406 -15.18 8.12 17.67
C MET A 406 -16.67 8.32 17.87
N THR A 407 -17.15 9.53 17.63
CA THR A 407 -18.57 9.75 17.46
C THR A 407 -19.12 8.88 16.32
N GLY A 408 -18.61 9.08 15.13
CA GLY A 408 -19.18 8.36 14.02
C GLY A 408 -19.44 9.29 12.89
N ASP A 409 -18.86 10.48 12.92
CA ASP A 409 -18.99 11.39 11.79
C ASP A 409 -18.72 10.67 10.47
N LEU A 410 -19.64 10.83 9.53
CA LEU A 410 -19.56 10.12 8.25
C LEU A 410 -18.32 10.52 7.45
N GLY A 411 -18.02 11.82 7.37
CA GLY A 411 -16.79 12.24 6.70
C GLY A 411 -15.55 11.62 7.33
N ALA A 412 -15.54 11.53 8.67
CA ALA A 412 -14.42 10.93 9.38
C ALA A 412 -14.21 9.47 9.00
N MET A 413 -15.29 8.70 9.00
CA MET A 413 -15.17 7.31 8.60
C MET A 413 -14.86 7.19 7.12
N ARG A 414 -15.38 8.10 6.31
CA ARG A 414 -15.12 8.04 4.89
C ARG A 414 -13.81 8.69 4.46
N ILE A 415 -13.03 9.24 5.37
CA ILE A 415 -11.63 9.49 5.05
C ILE A 415 -10.70 8.68 5.91
N MET A 416 -11.24 7.88 6.84
CA MET A 416 -10.45 6.76 7.32
C MET A 416 -10.57 5.58 6.37
N ARG A 417 -11.75 5.42 5.78
CA ARG A 417 -11.88 4.46 4.69
C ARG A 417 -10.85 4.78 3.62
N SER A 418 -10.76 6.05 3.27
CA SER A 418 -9.82 6.43 2.23
C SER A 418 -8.40 6.21 2.65
N TYR A 419 -8.17 6.02 3.94
CA TYR A 419 -6.83 5.70 4.36
C TYR A 419 -6.56 4.21 4.11
N TYR A 420 -7.48 3.33 4.51
CA TYR A 420 -7.32 1.93 4.13
C TYR A 420 -7.24 1.75 2.62
N LYS A 421 -7.62 2.75 1.82
CA LYS A 421 -7.29 2.71 0.40
C LYS A 421 -5.81 3.03 0.15
N LEU A 422 -5.38 4.25 0.51
CA LEU A 422 -3.96 4.62 0.42
C LEU A 422 -3.04 3.49 0.85
N LEU A 423 -3.37 2.80 1.94
CA LEU A 423 -2.53 1.70 2.41
C LEU A 423 -2.59 0.52 1.45
N ARG A 424 -3.78 -0.08 1.28
CA ARG A 424 -3.91 -1.23 0.41
C ARG A 424 -3.32 -0.94 -0.97
N GLY A 425 -3.47 0.29 -1.46
CA GLY A 425 -2.96 0.62 -2.77
C GLY A 425 -1.45 0.78 -2.81
N PHE A 426 -0.85 1.21 -1.69
CA PHE A 426 0.61 1.38 -1.64
C PHE A 426 1.33 0.04 -1.79
N ALA A 427 0.84 -1.01 -1.14
CA ALA A 427 1.41 -2.33 -1.38
C ALA A 427 1.22 -2.78 -2.83
N THR A 428 0.01 -2.58 -3.38
CA THR A 428 -0.25 -2.88 -4.79
C THR A 428 0.73 -2.15 -5.71
N GLU A 429 1.08 -0.91 -5.40
CA GLU A 429 1.98 -0.20 -6.30
C GLU A 429 3.45 -0.34 -5.91
N VAL A 430 3.77 -1.07 -4.84
CA VAL A 430 5.15 -1.43 -4.53
C VAL A 430 5.52 -2.78 -5.10
N LYS A 431 4.66 -3.78 -4.90
CA LYS A 431 4.93 -5.09 -5.48
C LYS A 431 4.68 -5.11 -7.00
N ASP A 432 3.85 -4.19 -7.52
CA ASP A 432 3.82 -3.97 -8.97
C ASP A 432 5.04 -3.18 -9.43
N LYS A 433 5.56 -2.32 -8.57
CA LYS A 433 6.87 -1.72 -8.82
C LYS A 433 7.96 -2.78 -8.88
N VAL A 434 7.85 -3.87 -8.04
CA VAL A 434 8.83 -4.94 -7.91
C VAL A 434 8.54 -6.07 -8.90
N TRP A 435 9.62 -6.72 -9.37
CA TRP A 435 9.58 -7.97 -10.11
C TRP A 435 8.49 -8.92 -9.63
N PHE A 436 7.69 -9.44 -10.55
CA PHE A 436 6.80 -10.57 -10.27
C PHE A 436 7.28 -11.84 -10.97
N LEU A 437 7.53 -11.78 -12.28
CA LEU A 437 8.19 -12.85 -13.03
C LEU A 437 8.74 -12.22 -14.32
N GLU A 438 9.18 -13.08 -15.26
CA GLU A 438 9.64 -12.70 -16.61
C GLU A 438 10.99 -11.95 -16.60
#